data_7BDW
#
_entry.id   7BDW
#
_cell.length_a   50.840
_cell.length_b   63.037
_cell.length_c   108.566
_cell.angle_alpha   90.00
_cell.angle_beta   90.00
_cell.angle_gamma   90.00
#
_symmetry.space_group_name_H-M   'P 21 21 21'
#
loop_
_entity.id
_entity.type
_entity.pdbx_description
1 polymer "Possible 4'-phosphopantetheinyl transferase"
2 polymer 'Phthiocerol synthesis polyketide synthase type I PpsC'
3 non-polymer 'COENZYME A'
4 non-polymer "N-(2,6-diethylphenyl)-N'-(N-ethylcarbamimidoyl)urea"
5 non-polymer 'MANGANESE (II) ION'
6 water water
#
loop_
_entity_poly.entity_id
_entity_poly.type
_entity_poly.pdbx_seq_one_letter_code
_entity_poly.pdbx_strand_id
1 'polypeptide(L)'
;MPVTDQLIASVVPELLPSAELYEDPPGLEPLPEEEPLIAKSVAKRRNEFITVRYCARQALSVLGIPEVPILKGDKGQPLW
PDGIVGSMTHTEGFRGAVVGRTGEVRSVGIDAEPHDVLPNGVLKSIALPVERDELDALPAGTHWDRLLFCAKETTYKAWF
PLTARWLGFEDAHITIDPDGTFTSRILVDGRANDGTVLSAFDGRWIIDKGLILTAIVVPKLAAALEHHHHHH
;
A
2 'polypeptide(L)'
;MGSSHHHHHHSSGLVPRGSHMAIRAQLDALDAAERPGHLASAIADEIRAVLRSGDPIDHHRPLETLGLDALMGLELRNRL
EASLGITLPVALVWAYPTISDLATALCERMDYATPAAAQEISDTEPELSDEEMDLLADLVDASELEAATRGESTSGS
;
B
#
# COMPACT_ATOMS: atom_id res chain seq x y z
N THR A 4 -5.34 -3.11 -24.95
CA THR A 4 -4.35 -2.45 -24.10
C THR A 4 -3.69 -3.45 -23.15
N ASP A 5 -2.39 -3.68 -23.35
CA ASP A 5 -1.65 -4.65 -22.56
C ASP A 5 -1.15 -4.08 -21.23
N GLN A 6 -1.64 -2.92 -20.82
CA GLN A 6 -1.20 -2.32 -19.57
C GLN A 6 -2.01 -2.88 -18.41
N LEU A 7 -1.34 -3.09 -17.28
CA LEU A 7 -1.96 -3.77 -16.15
C LEU A 7 -3.12 -2.95 -15.58
N ILE A 8 -2.84 -1.70 -15.21
CA ILE A 8 -3.87 -0.88 -14.57
C ILE A 8 -5.02 -0.61 -15.53
N ALA A 9 -4.71 -0.28 -16.78
CA ALA A 9 -5.75 0.03 -17.75
C ALA A 9 -6.67 -1.16 -18.02
N SER A 10 -6.28 -2.36 -17.61
CA SER A 10 -7.06 -3.56 -17.86
C SER A 10 -8.00 -3.92 -16.72
N VAL A 11 -7.95 -3.21 -15.59
CA VAL A 11 -8.80 -3.56 -14.45
C VAL A 11 -9.52 -2.33 -13.91
N VAL A 12 -9.42 -1.19 -14.61
CA VAL A 12 -10.19 0.00 -14.25
C VAL A 12 -10.88 0.51 -15.51
N PRO A 13 -12.00 1.21 -15.39
CA PRO A 13 -12.67 1.72 -16.59
C PRO A 13 -11.82 2.76 -17.31
N GLU A 14 -12.05 2.87 -18.63
CA GLU A 14 -11.32 3.84 -19.43
C GLU A 14 -11.54 5.26 -18.98
N LEU A 15 -12.62 5.52 -18.23
CA LEU A 15 -12.88 6.85 -17.69
C LEU A 15 -11.78 7.33 -16.76
N LEU A 16 -10.97 6.42 -16.22
CA LEU A 16 -9.89 6.77 -15.31
C LEU A 16 -8.56 6.58 -16.01
N PRO A 17 -7.91 7.66 -16.47
CA PRO A 17 -6.61 7.51 -17.13
C PRO A 17 -5.56 6.98 -16.17
N SER A 18 -4.69 6.12 -16.69
CA SER A 18 -3.63 5.53 -15.89
C SER A 18 -2.32 5.56 -16.67
N ALA A 19 -1.23 5.38 -15.94
CA ALA A 19 0.10 5.33 -16.53
C ALA A 19 0.99 4.45 -15.66
N GLU A 20 1.87 3.69 -16.30
CA GLU A 20 2.72 2.77 -15.57
C GLU A 20 4.08 2.65 -16.24
N LEU A 21 5.09 2.36 -15.44
CA LEU A 21 6.44 2.12 -15.92
C LEU A 21 7.04 0.95 -15.15
N TYR A 22 7.87 0.16 -15.83
CA TYR A 22 8.48 -1.02 -15.23
C TYR A 22 9.94 -0.83 -14.89
N GLU A 23 10.54 0.31 -15.25
CA GLU A 23 11.90 0.65 -14.88
C GLU A 23 11.92 2.12 -14.47
N ASP A 24 13.10 2.59 -14.09
CA ASP A 24 13.29 4.00 -13.76
C ASP A 24 14.04 4.67 -14.90
N PRO A 25 13.36 5.37 -15.80
CA PRO A 25 14.05 5.97 -16.95
C PRO A 25 15.05 7.01 -16.49
N PRO A 26 16.20 7.11 -17.16
CA PRO A 26 17.23 8.05 -16.74
C PRO A 26 16.79 9.49 -16.98
N GLY A 27 17.04 10.34 -15.99
CA GLY A 27 16.81 11.76 -16.10
C GLY A 27 15.60 12.28 -15.36
N LEU A 28 14.78 11.41 -14.77
CA LEU A 28 13.63 11.87 -14.02
C LEU A 28 14.07 12.60 -12.75
N GLU A 29 13.22 13.50 -12.27
CA GLU A 29 13.53 14.29 -11.09
C GLU A 29 12.22 14.69 -10.43
N PRO A 30 12.23 14.96 -9.13
CA PRO A 30 11.02 15.44 -8.46
C PRO A 30 10.87 16.94 -8.60
N LEU A 31 9.64 17.40 -8.44
CA LEU A 31 9.38 18.83 -8.37
C LEU A 31 9.97 19.39 -7.09
N PRO A 32 10.31 20.69 -7.08
CA PRO A 32 10.94 21.27 -5.88
C PRO A 32 10.13 21.09 -4.61
N GLU A 33 8.81 21.23 -4.68
CA GLU A 33 7.98 21.03 -3.50
C GLU A 33 7.96 19.57 -3.04
N GLU A 34 8.41 18.64 -3.87
CA GLU A 34 8.44 17.23 -3.51
C GLU A 34 9.80 16.75 -3.03
N GLU A 35 10.88 17.51 -3.30
CA GLU A 35 12.21 17.07 -2.91
C GLU A 35 12.37 16.87 -1.41
N PRO A 36 11.95 17.80 -0.54
CA PRO A 36 12.11 17.56 0.91
C PRO A 36 11.42 16.30 1.40
N LEU A 37 10.48 15.75 0.64
CA LEU A 37 9.85 14.50 1.04
C LEU A 37 10.79 13.32 0.90
N ILE A 38 11.78 13.42 0.02
CA ILE A 38 12.71 12.31 -0.24
C ILE A 38 14.15 12.79 -0.07
N ALA A 39 14.33 13.93 0.61
CA ALA A 39 15.66 14.52 0.72
C ALA A 39 16.62 13.65 1.52
N LYS A 40 16.12 12.72 2.33
CA LYS A 40 16.98 11.88 3.15
C LYS A 40 16.68 10.39 2.94
N SER A 41 15.99 10.04 1.87
CA SER A 41 15.68 8.64 1.58
C SER A 41 16.76 8.02 0.70
N VAL A 42 16.86 6.70 0.77
CA VAL A 42 17.88 5.96 0.03
C VAL A 42 17.52 5.89 -1.44
N ALA A 43 18.43 5.34 -2.26
CA ALA A 43 18.30 5.44 -3.71
C ALA A 43 17.04 4.74 -4.22
N LYS A 44 16.72 3.57 -3.67
CA LYS A 44 15.54 2.84 -4.14
C LYS A 44 14.26 3.61 -3.84
N ARG A 45 14.14 4.12 -2.60
CA ARG A 45 12.95 4.89 -2.24
C ARG A 45 12.84 6.17 -3.05
N ARG A 46 13.98 6.78 -3.40
CA ARG A 46 13.95 7.98 -4.23
C ARG A 46 13.46 7.67 -5.64
N ASN A 47 13.98 6.61 -6.25
CA ASN A 47 13.63 6.30 -7.63
C ASN A 47 12.16 5.95 -7.77
N GLU A 48 11.66 5.07 -6.90
CA GLU A 48 10.25 4.69 -6.98
C GLU A 48 9.33 5.87 -6.69
N PHE A 49 9.77 6.80 -5.84
CA PHE A 49 8.98 7.99 -5.55
C PHE A 49 8.87 8.88 -6.78
N ILE A 50 10.00 9.13 -7.45
CA ILE A 50 10.02 10.05 -8.59
C ILE A 50 9.30 9.43 -9.78
N THR A 51 9.53 8.14 -10.04
CA THR A 51 8.96 7.51 -11.23
C THR A 51 7.44 7.41 -11.14
N VAL A 52 6.90 7.07 -9.97
CA VAL A 52 5.46 6.90 -9.84
C VAL A 52 4.76 8.24 -9.97
N ARG A 53 5.38 9.33 -9.51
CA ARG A 53 4.76 10.64 -9.65
C ARG A 53 4.85 11.16 -11.08
N TYR A 54 5.83 10.71 -11.85
CA TYR A 54 5.83 11.00 -13.28
C TYR A 54 4.63 10.36 -13.96
N CYS A 55 4.33 9.10 -13.61
CA CYS A 55 3.18 8.43 -14.18
C CYS A 55 1.88 9.11 -13.76
N ALA A 56 1.83 9.60 -12.51
CA ALA A 56 0.62 10.25 -12.03
C ALA A 56 0.37 11.56 -12.76
N ARG A 57 1.41 12.37 -12.94
CA ARG A 57 1.25 13.64 -13.65
C ARG A 57 0.90 13.42 -15.12
N GLN A 58 1.43 12.36 -15.73
CA GLN A 58 1.03 12.04 -17.10
C GLN A 58 -0.44 11.66 -17.18
N ALA A 59 -0.91 10.86 -16.21
CA ALA A 59 -2.32 10.52 -16.17
C ALA A 59 -3.18 11.71 -15.77
N LEU A 60 -2.60 12.68 -15.05
CA LEU A 60 -3.36 13.86 -14.65
C LEU A 60 -3.61 14.80 -15.82
N SER A 61 -2.63 14.92 -16.72
CA SER A 61 -2.79 15.80 -17.87
C SER A 61 -3.83 15.29 -18.86
N VAL A 62 -4.12 13.99 -18.84
CA VAL A 62 -5.22 13.47 -19.66
C VAL A 62 -6.54 14.08 -19.18
N LEU A 63 -6.66 14.30 -17.87
CA LEU A 63 -7.82 14.96 -17.29
C LEU A 63 -7.74 16.48 -17.36
N GLY A 64 -6.73 17.02 -18.04
CA GLY A 64 -6.55 18.45 -18.15
C GLY A 64 -5.76 19.10 -17.04
N ILE A 65 -5.39 18.35 -16.00
CA ILE A 65 -4.66 18.89 -14.87
C ILE A 65 -3.22 19.17 -15.28
N PRO A 66 -2.72 20.39 -15.13
CA PRO A 66 -1.32 20.68 -15.48
C PRO A 66 -0.34 20.11 -14.46
N GLU A 67 0.95 20.34 -14.69
CA GLU A 67 1.99 19.83 -13.80
C GLU A 67 1.80 20.37 -12.39
N VAL A 68 1.62 19.46 -11.43
CA VAL A 68 1.32 19.82 -10.06
C VAL A 68 2.04 18.86 -9.13
N PRO A 69 2.63 19.34 -8.03
CA PRO A 69 3.25 18.42 -7.06
C PRO A 69 2.21 17.54 -6.40
N ILE A 70 2.64 16.34 -6.01
CA ILE A 70 1.80 15.39 -5.32
C ILE A 70 2.47 15.09 -3.98
N LEU A 71 1.94 15.71 -2.92
CA LEU A 71 2.50 15.55 -1.58
C LEU A 71 1.72 14.48 -0.81
N LYS A 72 2.13 14.26 0.43
CA LYS A 72 1.57 13.19 1.25
C LYS A 72 0.92 13.76 2.50
N GLY A 73 -0.23 13.20 2.88
CA GLY A 73 -0.99 13.67 4.01
C GLY A 73 -0.48 13.13 5.33
N ASP A 74 -1.38 13.12 6.32
CA ASP A 74 -1.00 12.73 7.68
C ASP A 74 -0.64 11.25 7.76
N LYS A 75 -1.39 10.39 7.07
CA LYS A 75 -1.11 8.96 7.07
C LYS A 75 -0.43 8.51 5.77
N GLY A 76 0.26 9.43 5.10
CA GLY A 76 1.00 9.12 3.89
C GLY A 76 0.18 9.06 2.62
N GLN A 77 -1.13 9.32 2.69
CA GLN A 77 -1.96 9.24 1.50
C GLN A 77 -1.58 10.35 0.52
N PRO A 78 -1.72 10.10 -0.78
CA PRO A 78 -1.42 11.14 -1.76
C PRO A 78 -2.47 12.25 -1.73
N LEU A 79 -1.99 13.49 -1.73
CA LEU A 79 -2.86 14.66 -1.69
C LEU A 79 -3.12 15.12 -3.12
N TRP A 80 -4.29 14.80 -3.63
CA TRP A 80 -4.69 15.05 -5.01
C TRP A 80 -5.28 16.45 -5.16
N PRO A 81 -5.20 17.03 -6.35
CA PRO A 81 -5.87 18.32 -6.59
C PRO A 81 -7.37 18.21 -6.36
N ASP A 82 -7.98 19.35 -6.06
CA ASP A 82 -9.39 19.38 -5.71
C ASP A 82 -10.24 18.85 -6.86
N GLY A 83 -11.08 17.86 -6.57
CA GLY A 83 -11.91 17.23 -7.56
C GLY A 83 -11.33 15.98 -8.19
N ILE A 84 -10.05 15.70 -7.96
CA ILE A 84 -9.39 14.54 -8.52
C ILE A 84 -9.18 13.52 -7.41
N VAL A 85 -9.49 12.26 -7.71
CA VAL A 85 -9.21 11.14 -6.83
C VAL A 85 -8.30 10.18 -7.54
N GLY A 86 -7.30 9.67 -6.82
CA GLY A 86 -6.34 8.78 -7.46
C GLY A 86 -5.72 7.74 -6.54
N SER A 87 -4.74 7.02 -7.06
CA SER A 87 -4.04 5.98 -6.31
C SER A 87 -2.73 5.68 -7.03
N MET A 88 -1.70 5.38 -6.24
CA MET A 88 -0.38 5.06 -6.77
C MET A 88 0.14 3.82 -6.06
N THR A 89 0.98 3.06 -6.77
CA THR A 89 1.58 1.85 -6.21
C THR A 89 2.93 1.63 -6.86
N HIS A 90 3.84 1.03 -6.10
CA HIS A 90 5.18 0.75 -6.61
C HIS A 90 5.76 -0.46 -5.90
N THR A 91 6.20 -1.44 -6.70
CA THR A 91 6.96 -2.58 -6.22
C THR A 91 8.11 -2.80 -7.19
N GLU A 92 8.94 -3.80 -6.93
CA GLU A 92 10.08 -4.05 -7.81
C GLU A 92 9.59 -4.41 -9.21
N GLY A 93 10.00 -3.61 -10.18
CA GLY A 93 9.58 -3.83 -11.55
C GLY A 93 8.24 -3.22 -11.92
N PHE A 94 7.72 -2.30 -11.12
CA PHE A 94 6.46 -1.67 -11.44
C PHE A 94 6.31 -0.34 -10.71
N ARG A 95 5.79 0.66 -11.43
CA ARG A 95 5.35 1.92 -10.85
C ARG A 95 4.09 2.32 -11.58
N GLY A 96 2.98 2.47 -10.85
CA GLY A 96 1.70 2.72 -11.48
C GLY A 96 0.93 3.81 -10.76
N ALA A 97 0.02 4.42 -11.52
CA ALA A 97 -0.81 5.50 -11.00
C ALA A 97 -2.08 5.59 -11.84
N VAL A 98 -3.20 5.89 -11.17
CA VAL A 98 -4.48 6.09 -11.83
C VAL A 98 -5.18 7.25 -11.14
N VAL A 99 -5.86 8.09 -11.93
CA VAL A 99 -6.58 9.24 -11.40
C VAL A 99 -7.96 9.30 -12.03
N GLY A 100 -8.87 9.98 -11.34
CA GLY A 100 -10.21 10.20 -11.84
C GLY A 100 -10.80 11.45 -11.24
N ARG A 101 -11.91 11.89 -11.82
CA ARG A 101 -12.66 13.03 -11.29
C ARG A 101 -13.76 12.53 -10.37
N THR A 102 -13.91 13.18 -9.21
CA THR A 102 -14.92 12.72 -8.27
C THR A 102 -16.34 12.93 -8.78
N GLY A 103 -16.52 13.70 -9.85
CA GLY A 103 -17.83 13.79 -10.47
C GLY A 103 -18.27 12.49 -11.11
N GLU A 104 -17.38 11.52 -11.25
CA GLU A 104 -17.70 10.26 -11.91
C GLU A 104 -17.38 9.06 -11.04
N VAL A 105 -16.35 9.15 -10.21
CA VAL A 105 -16.01 8.09 -9.25
C VAL A 105 -15.61 8.74 -7.93
N ARG A 106 -16.01 8.15 -6.81
CA ARG A 106 -15.74 8.75 -5.51
C ARG A 106 -14.35 8.39 -4.98
N SER A 107 -13.80 7.26 -5.38
CA SER A 107 -12.52 6.78 -4.85
C SER A 107 -11.96 5.72 -5.78
N VAL A 108 -10.67 5.47 -5.62
CA VAL A 108 -9.99 4.41 -6.36
C VAL A 108 -8.74 4.02 -5.59
N GLY A 109 -8.41 2.73 -5.64
CA GLY A 109 -7.18 2.23 -5.06
C GLY A 109 -6.58 1.15 -5.93
N ILE A 110 -5.26 1.11 -6.02
CA ILE A 110 -4.55 0.06 -6.75
C ILE A 110 -3.36 -0.38 -5.93
N ASP A 111 -2.97 -1.64 -6.11
CA ASP A 111 -1.81 -2.20 -5.43
C ASP A 111 -1.09 -3.16 -6.36
N ALA A 112 0.24 -3.17 -6.26
CA ALA A 112 1.07 -4.05 -7.08
C ALA A 112 1.98 -4.87 -6.17
N GLU A 113 2.08 -6.16 -6.47
CA GLU A 113 2.93 -7.09 -5.75
C GLU A 113 3.53 -8.07 -6.75
N PRO A 114 4.73 -8.58 -6.48
CA PRO A 114 5.28 -9.64 -7.33
C PRO A 114 4.46 -10.91 -7.18
N HIS A 115 4.19 -11.59 -8.30
CA HIS A 115 3.45 -12.84 -8.22
C HIS A 115 4.30 -13.91 -7.56
N ASP A 116 4.21 -14.00 -6.23
CA ASP A 116 5.07 -14.86 -5.45
C ASP A 116 4.40 -15.15 -4.12
N VAL A 117 4.79 -16.26 -3.50
CA VAL A 117 4.25 -16.59 -2.19
C VAL A 117 4.66 -15.52 -1.19
N LEU A 118 3.80 -15.29 -0.21
CA LEU A 118 4.11 -14.31 0.81
C LEU A 118 5.27 -14.78 1.69
N PRO A 119 6.01 -13.86 2.30
CA PRO A 119 7.07 -14.27 3.24
C PRO A 119 6.48 -15.08 4.39
N ASN A 120 7.36 -15.79 5.09
CA ASN A 120 6.93 -16.66 6.17
C ASN A 120 6.28 -15.85 7.28
N GLY A 121 5.10 -16.30 7.72
CA GLY A 121 4.41 -15.71 8.85
C GLY A 121 3.47 -14.56 8.51
N VAL A 122 3.51 -14.05 7.29
CA VAL A 122 2.71 -12.87 6.96
C VAL A 122 1.25 -13.25 6.71
N LEU A 123 1.01 -14.38 6.03
CA LEU A 123 -0.35 -14.77 5.69
C LEU A 123 -1.21 -14.98 6.94
N LYS A 124 -0.61 -15.44 8.03
CA LYS A 124 -1.38 -15.68 9.25
C LYS A 124 -1.87 -14.37 9.88
N SER A 125 -1.09 -13.29 9.73
CA SER A 125 -1.40 -12.03 10.40
C SER A 125 -2.27 -11.10 9.58
N ILE A 126 -2.62 -11.48 8.34
CA ILE A 126 -3.40 -10.62 7.47
C ILE A 126 -4.66 -11.30 6.93
N ALA A 127 -4.88 -12.57 7.25
CA ALA A 127 -6.00 -13.32 6.72
C ALA A 127 -6.87 -13.84 7.85
N LEU A 128 -8.18 -13.66 7.74
CA LEU A 128 -9.11 -14.26 8.68
C LEU A 128 -9.07 -15.78 8.55
N PRO A 129 -9.45 -16.50 9.61
CA PRO A 129 -9.49 -17.97 9.51
C PRO A 129 -10.37 -18.46 8.38
N VAL A 130 -11.49 -17.78 8.11
CA VAL A 130 -12.37 -18.17 7.01
C VAL A 130 -11.71 -17.90 5.67
N GLU A 131 -10.79 -16.93 5.61
CA GLU A 131 -10.12 -16.60 4.36
C GLU A 131 -9.08 -17.65 3.99
N ARG A 132 -8.31 -18.13 4.96
CA ARG A 132 -7.30 -19.14 4.67
C ARG A 132 -7.96 -20.43 4.17
N ASP A 133 -9.14 -20.74 4.68
CA ASP A 133 -9.86 -21.91 4.19
C ASP A 133 -10.35 -21.70 2.76
N GLU A 134 -10.84 -20.49 2.44
CA GLU A 134 -11.29 -20.22 1.08
C GLU A 134 -10.12 -20.24 0.11
N LEU A 135 -8.97 -19.73 0.52
CA LEU A 135 -7.80 -19.70 -0.36
C LEU A 135 -7.35 -21.11 -0.73
N ASP A 136 -7.50 -22.08 0.18
CA ASP A 136 -7.12 -23.45 -0.13
C ASP A 136 -8.07 -24.07 -1.14
N ALA A 137 -9.35 -23.70 -1.12
CA ALA A 137 -10.33 -24.26 -2.03
C ALA A 137 -10.20 -23.70 -3.45
N LEU A 138 -9.45 -22.61 -3.63
CA LEU A 138 -9.30 -22.02 -4.94
C LEU A 138 -8.41 -22.90 -5.83
N PRO A 139 -8.60 -22.84 -7.16
CA PRO A 139 -7.80 -23.69 -8.05
C PRO A 139 -6.32 -23.37 -7.96
N ALA A 140 -5.50 -24.40 -8.17
CA ALA A 140 -4.06 -24.26 -8.06
C ALA A 140 -3.50 -23.44 -9.22
N GLY A 141 -2.20 -23.16 -9.14
CA GLY A 141 -1.52 -22.40 -10.17
C GLY A 141 -1.48 -20.91 -9.96
N THR A 142 -1.94 -20.41 -8.82
CA THR A 142 -1.96 -18.98 -8.54
C THR A 142 -1.69 -18.75 -7.07
N HIS A 143 -0.75 -17.85 -6.77
CA HIS A 143 -0.39 -17.53 -5.39
C HIS A 143 -1.54 -16.72 -4.78
N TRP A 144 -2.59 -17.45 -4.38
CA TRP A 144 -3.77 -16.81 -3.80
C TRP A 144 -3.45 -16.07 -2.51
N ASP A 145 -2.38 -16.46 -1.81
CA ASP A 145 -2.04 -15.81 -0.55
C ASP A 145 -1.68 -14.35 -0.77
N ARG A 146 -0.80 -14.07 -1.76
CA ARG A 146 -0.40 -12.70 -1.98
C ARG A 146 -1.45 -11.92 -2.76
N LEU A 147 -2.19 -12.57 -3.66
CA LEU A 147 -3.36 -11.93 -4.24
C LEU A 147 -4.34 -11.48 -3.17
N LEU A 148 -4.43 -12.25 -2.07
CA LEU A 148 -5.22 -11.82 -0.93
C LEU A 148 -4.61 -10.60 -0.25
N PHE A 149 -3.28 -10.60 -0.05
CA PHE A 149 -2.63 -9.47 0.61
C PHE A 149 -2.74 -8.20 -0.22
N CYS A 150 -2.48 -8.31 -1.53
CA CYS A 150 -2.49 -7.14 -2.40
C CYS A 150 -3.90 -6.58 -2.55
N ALA A 151 -4.90 -7.45 -2.60
CA ALA A 151 -6.28 -6.99 -2.67
C ALA A 151 -6.72 -6.30 -1.39
N LYS A 152 -6.11 -6.66 -0.25
CA LYS A 152 -6.43 -6.01 1.00
C LYS A 152 -5.82 -4.61 1.08
N GLU A 153 -4.62 -4.44 0.55
CA GLU A 153 -4.04 -3.10 0.43
C GLU A 153 -4.91 -2.22 -0.46
N THR A 154 -5.42 -2.78 -1.55
CA THR A 154 -6.34 -2.03 -2.41
C THR A 154 -7.63 -1.69 -1.68
N THR A 155 -8.08 -2.57 -0.79
CA THR A 155 -9.26 -2.26 0.01
C THR A 155 -9.02 -1.06 0.91
N TYR A 156 -7.83 -0.97 1.50
CA TYR A 156 -7.51 0.16 2.37
C TYR A 156 -7.31 1.43 1.56
N LYS A 157 -6.73 1.31 0.37
CA LYS A 157 -6.42 2.51 -0.43
C LYS A 157 -7.69 3.17 -0.95
N ALA A 158 -8.77 2.41 -1.15
CA ALA A 158 -10.05 2.99 -1.51
C ALA A 158 -10.84 3.42 -0.29
N TRP A 159 -10.59 2.80 0.86
CA TRP A 159 -11.35 3.06 2.08
C TRP A 159 -10.92 4.36 2.73
N PHE A 160 -9.62 4.56 2.90
CA PHE A 160 -9.11 5.71 3.64
C PHE A 160 -9.54 7.06 3.06
N PRO A 161 -9.45 7.31 1.74
CA PRO A 161 -9.81 8.65 1.23
C PRO A 161 -11.26 9.03 1.46
N LEU A 162 -12.16 8.06 1.71
CA LEU A 162 -13.57 8.34 1.94
C LEU A 162 -13.93 8.23 3.42
N THR A 163 -12.95 8.26 4.31
CA THR A 163 -13.22 7.80 5.67
C THR A 163 -12.23 8.40 6.66
N ALA A 164 -10.96 8.51 6.25
CA ALA A 164 -9.90 9.05 7.11
C ALA A 164 -9.75 8.27 8.42
N ARG A 165 -10.14 6.99 8.40
CA ARG A 165 -10.06 6.13 9.57
C ARG A 165 -9.28 4.87 9.21
N TRP A 166 -8.76 4.21 10.24
CA TRP A 166 -7.97 3.01 10.06
C TRP A 166 -8.85 1.82 9.71
N LEU A 167 -8.31 0.94 8.88
CA LEU A 167 -8.96 -0.33 8.54
C LEU A 167 -7.92 -1.43 8.69
N GLY A 168 -8.17 -2.35 9.63
CA GLY A 168 -7.24 -3.44 9.85
C GLY A 168 -7.49 -4.61 8.91
N PHE A 169 -6.46 -5.44 8.78
CA PHE A 169 -6.56 -6.62 7.92
C PHE A 169 -7.69 -7.55 8.39
N GLU A 170 -7.94 -7.59 9.70
CA GLU A 170 -9.05 -8.35 10.24
C GLU A 170 -10.40 -7.68 10.02
N ASP A 171 -10.41 -6.42 9.59
CA ASP A 171 -11.65 -5.67 9.42
C ASP A 171 -12.25 -5.81 8.03
N ALA A 172 -11.59 -6.51 7.11
CA ALA A 172 -12.08 -6.69 5.75
C ALA A 172 -12.02 -8.15 5.38
N HIS A 173 -13.12 -8.67 4.83
CA HIS A 173 -13.19 -10.04 4.35
C HIS A 173 -13.22 -10.01 2.82
N ILE A 174 -12.17 -10.53 2.20
CA ILE A 174 -12.01 -10.50 0.75
C ILE A 174 -12.29 -11.89 0.20
N THR A 175 -13.18 -11.96 -0.80
CA THR A 175 -13.51 -13.19 -1.49
C THR A 175 -12.96 -13.08 -2.92
N ILE A 176 -11.95 -13.89 -3.23
CA ILE A 176 -11.28 -13.82 -4.52
C ILE A 176 -11.96 -14.79 -5.49
N ASP A 177 -12.33 -14.27 -6.67
CA ASP A 177 -12.87 -15.09 -7.74
C ASP A 177 -11.83 -15.28 -8.83
N PRO A 178 -11.66 -16.51 -9.35
CA PRO A 178 -10.61 -16.75 -10.35
C PRO A 178 -10.81 -15.99 -11.65
N ASP A 179 -12.02 -15.50 -11.92
CA ASP A 179 -12.32 -14.84 -13.19
C ASP A 179 -11.78 -13.41 -13.27
N GLY A 180 -10.95 -13.00 -12.32
CA GLY A 180 -10.37 -11.67 -12.31
C GLY A 180 -11.11 -10.64 -11.50
N THR A 181 -12.01 -11.06 -10.62
CA THR A 181 -12.77 -10.15 -9.77
C THR A 181 -12.67 -10.59 -8.32
N PHE A 182 -12.98 -9.67 -7.41
CA PHE A 182 -13.03 -9.98 -5.99
C PHE A 182 -13.88 -8.94 -5.29
N THR A 183 -14.37 -9.30 -4.10
CA THR A 183 -15.21 -8.42 -3.30
C THR A 183 -14.57 -8.21 -1.92
N SER A 184 -14.73 -7.02 -1.38
CA SER A 184 -14.24 -6.66 -0.06
C SER A 184 -15.43 -6.42 0.86
N ARG A 185 -15.60 -7.28 1.85
CA ARG A 185 -16.68 -7.16 2.84
C ARG A 185 -16.13 -6.52 4.10
N ILE A 186 -16.48 -5.26 4.33
CA ILE A 186 -16.01 -4.55 5.51
C ILE A 186 -16.78 -5.04 6.73
N LEU A 187 -16.03 -5.42 7.78
CA LEU A 187 -16.61 -5.99 8.98
C LEU A 187 -16.78 -4.98 10.11
N VAL A 188 -16.28 -3.76 9.94
CA VAL A 188 -16.50 -2.69 10.89
C VAL A 188 -17.51 -1.71 10.28
N ASP A 189 -17.90 -0.72 11.08
CA ASP A 189 -18.82 0.29 10.59
C ASP A 189 -18.12 1.21 9.59
N GLY A 190 -18.65 1.27 8.38
CA GLY A 190 -18.05 2.07 7.32
C GLY A 190 -18.68 3.43 7.14
N ARG A 191 -18.56 4.30 8.13
CA ARG A 191 -19.06 5.66 8.02
C ARG A 191 -18.19 6.45 7.06
N ALA A 192 -18.79 7.01 6.02
CA ALA A 192 -18.08 7.86 5.09
C ALA A 192 -18.27 9.32 5.47
N ASN A 193 -17.35 10.17 4.98
CA ASN A 193 -17.52 11.60 5.16
C ASN A 193 -18.74 12.13 4.41
N ASP A 194 -19.16 11.44 3.36
CA ASP A 194 -20.38 11.84 2.65
C ASP A 194 -21.62 11.61 3.49
N GLY A 195 -21.59 10.60 4.36
CA GLY A 195 -22.76 10.15 5.10
C GLY A 195 -23.21 8.75 4.74
N THR A 196 -22.89 8.30 3.53
CA THR A 196 -23.17 6.91 3.14
C THR A 196 -22.42 5.94 4.03
N VAL A 197 -22.93 4.72 4.12
CA VAL A 197 -22.22 3.63 4.77
C VAL A 197 -21.56 2.79 3.69
N LEU A 198 -20.28 2.47 3.90
CA LEU A 198 -19.50 1.66 2.97
C LEU A 198 -19.39 0.26 3.55
N SER A 199 -20.08 -0.70 2.91
CA SER A 199 -20.08 -2.07 3.41
C SER A 199 -19.40 -3.06 2.49
N ALA A 200 -19.46 -2.85 1.18
CA ALA A 200 -18.87 -3.79 0.24
C ALA A 200 -18.21 -3.06 -0.91
N PHE A 201 -17.05 -3.55 -1.33
CA PHE A 201 -16.32 -3.03 -2.48
C PHE A 201 -16.28 -4.08 -3.58
N ASP A 202 -16.27 -3.62 -4.83
CA ASP A 202 -16.10 -4.49 -5.99
C ASP A 202 -14.73 -4.23 -6.60
N GLY A 203 -13.94 -5.29 -6.78
CA GLY A 203 -12.57 -5.16 -7.22
C GLY A 203 -12.28 -6.03 -8.42
N ARG A 204 -11.10 -5.81 -9.00
CA ARG A 204 -10.62 -6.56 -10.14
C ARG A 204 -9.11 -6.78 -9.98
N TRP A 205 -8.62 -7.86 -10.58
CA TRP A 205 -7.21 -8.21 -10.45
C TRP A 205 -6.72 -8.86 -11.74
N ILE A 206 -5.40 -8.89 -11.90
CA ILE A 206 -4.77 -9.46 -13.09
C ILE A 206 -3.36 -9.88 -12.71
N ILE A 207 -2.94 -11.04 -13.24
CA ILE A 207 -1.58 -11.54 -13.09
C ILE A 207 -0.92 -11.51 -14.46
N ASP A 208 0.19 -10.79 -14.58
CA ASP A 208 0.92 -10.75 -15.84
C ASP A 208 2.31 -10.18 -15.59
N LYS A 209 3.27 -10.70 -16.36
CA LYS A 209 4.68 -10.27 -16.27
C LYS A 209 5.21 -10.38 -14.85
N GLY A 210 4.84 -11.47 -14.17
CA GLY A 210 5.27 -11.70 -12.81
C GLY A 210 4.75 -10.70 -11.81
N LEU A 211 3.64 -10.04 -12.11
CA LEU A 211 3.09 -9.00 -11.26
C LEU A 211 1.62 -9.26 -10.97
N ILE A 212 1.23 -9.10 -9.71
CA ILE A 212 -0.17 -9.00 -9.33
C ILE A 212 -0.55 -7.53 -9.32
N LEU A 213 -1.74 -7.22 -9.84
CA LEU A 213 -2.27 -5.87 -9.74
C LEU A 213 -3.75 -5.95 -9.41
N THR A 214 -4.12 -5.43 -8.26
CA THR A 214 -5.51 -5.33 -7.84
C THR A 214 -5.95 -3.87 -7.87
N ALA A 215 -7.23 -3.66 -8.17
CA ALA A 215 -7.77 -2.32 -8.27
C ALA A 215 -9.22 -2.33 -7.82
N ILE A 216 -9.62 -1.27 -7.13
CA ILE A 216 -10.99 -1.08 -6.67
C ILE A 216 -11.44 0.32 -7.06
N VAL A 217 -12.59 0.41 -7.72
CA VAL A 217 -13.21 1.68 -8.04
C VAL A 217 -14.60 1.68 -7.44
N VAL A 218 -14.93 2.72 -6.68
CA VAL A 218 -16.28 2.86 -6.14
C VAL A 218 -17.12 3.60 -7.18
N PRO A 219 -18.42 3.34 -7.25
CA PRO A 219 -19.26 4.04 -8.22
C PRO A 219 -20.00 5.23 -7.64
N LYS A 220 -20.51 6.11 -8.51
CA LYS A 220 -21.17 7.33 -8.02
C LYS A 220 -22.54 7.03 -7.43
N LEU A 221 -23.18 5.93 -7.83
CA LEU A 221 -24.52 5.58 -7.38
C LEU A 221 -25.52 6.70 -7.68
N PRO B 36 14.58 2.13 27.38
CA PRO B 36 14.21 2.20 25.95
C PRO B 36 15.44 2.09 25.05
N GLY B 37 16.61 2.39 25.59
CA GLY B 37 17.85 2.32 24.84
C GLY B 37 18.28 0.90 24.56
N HIS B 38 17.93 -0.01 25.47
CA HIS B 38 18.28 -1.42 25.32
C HIS B 38 17.41 -2.09 24.26
N LEU B 39 16.20 -1.57 24.08
CA LEU B 39 15.27 -2.13 23.09
C LEU B 39 15.47 -1.45 21.74
N ALA B 40 15.92 -0.20 21.76
CA ALA B 40 16.14 0.55 20.53
C ALA B 40 17.14 -0.16 19.63
N SER B 41 18.25 -0.61 20.22
CA SER B 41 19.27 -1.31 19.47
C SER B 41 18.82 -2.73 19.12
N ALA B 42 17.77 -3.18 19.78
CA ALA B 42 17.22 -4.51 19.54
C ALA B 42 16.29 -4.49 18.34
N ILE B 43 15.53 -3.40 18.19
CA ILE B 43 14.73 -3.21 16.98
C ILE B 43 15.64 -2.92 15.79
N ALA B 44 16.75 -2.23 16.00
CA ALA B 44 17.67 -1.94 14.91
C ALA B 44 18.26 -3.22 14.32
N ASP B 45 18.56 -4.20 15.17
CA ASP B 45 19.01 -5.49 14.66
C ASP B 45 17.94 -6.15 13.83
N GLU B 46 16.68 -6.10 14.30
CA GLU B 46 15.58 -6.71 13.55
C GLU B 46 15.32 -5.98 12.24
N ILE B 47 15.53 -4.66 12.22
CA ILE B 47 15.23 -3.89 11.02
C ILE B 47 16.23 -4.24 9.91
N ARG B 48 17.51 -4.38 10.25
CA ARG B 48 18.48 -4.78 9.24
C ARG B 48 18.27 -6.22 8.78
N ALA B 49 17.57 -7.03 9.57
CA ALA B 49 17.27 -8.38 9.12
C ALA B 49 16.20 -8.39 8.04
N VAL B 50 15.17 -7.54 8.19
CA VAL B 50 14.16 -7.44 7.14
C VAL B 50 14.66 -6.60 5.98
N LEU B 51 15.43 -5.54 6.28
CA LEU B 51 15.99 -4.71 5.22
C LEU B 51 17.17 -5.37 4.52
N ARG B 52 17.76 -6.40 5.12
CA ARG B 52 18.92 -7.09 4.57
C ARG B 52 20.08 -6.11 4.33
N SER B 53 20.52 -5.48 5.41
CA SER B 53 21.60 -4.50 5.35
C SER B 53 22.45 -4.65 6.62
N GLY B 54 23.52 -3.85 6.69
CA GLY B 54 24.42 -3.90 7.82
C GLY B 54 24.87 -2.54 8.31
N ASP B 55 24.17 -1.50 7.88
CA ASP B 55 24.48 -0.11 8.23
C ASP B 55 23.79 0.29 9.52
N PRO B 56 24.44 1.10 10.36
CA PRO B 56 23.76 1.63 11.54
C PRO B 56 22.63 2.57 11.14
N ILE B 57 21.57 2.56 11.95
CA ILE B 57 20.36 3.29 11.65
C ILE B 57 20.19 4.41 12.67
N ASP B 58 20.09 5.64 12.17
CA ASP B 58 19.69 6.76 13.02
C ASP B 58 18.31 6.47 13.59
N HIS B 59 18.15 6.74 14.89
CA HIS B 59 16.93 6.36 15.60
C HIS B 59 15.77 7.32 15.36
N HIS B 60 16.01 8.47 14.72
CA HIS B 60 14.95 9.43 14.44
C HIS B 60 14.64 9.54 12.96
N ARG B 61 15.25 8.71 12.13
CA ARG B 61 14.94 8.70 10.71
C ARG B 61 13.75 7.79 10.44
N PRO B 62 12.70 8.26 9.77
CA PRO B 62 11.56 7.40 9.47
C PRO B 62 12.00 6.20 8.63
N LEU B 63 11.43 5.04 8.94
CA LEU B 63 11.86 3.81 8.27
C LEU B 63 11.41 3.72 6.82
N GLU B 64 10.39 4.51 6.42
CA GLU B 64 10.01 4.54 5.02
C GLU B 64 11.15 5.09 4.15
N THR B 65 11.88 6.07 4.68
CA THR B 65 13.02 6.63 3.97
C THR B 65 14.14 5.62 3.78
N LEU B 66 14.15 4.54 4.56
CA LEU B 66 15.14 3.49 4.42
C LEU B 66 14.69 2.39 3.45
N GLY B 67 13.48 2.49 2.91
CA GLY B 67 12.97 1.50 1.99
C GLY B 67 11.96 0.53 2.58
N LEU B 68 11.61 0.69 3.85
CA LEU B 68 10.64 -0.21 4.47
C LEU B 68 9.24 0.08 3.94
N ASP B 69 8.57 -0.96 3.45
CA ASP B 69 7.23 -0.83 2.90
C ASP B 69 6.24 -1.60 3.79
N ALA B 70 5.01 -1.72 3.29
CA ALA B 70 3.94 -2.34 4.07
C ALA B 70 4.26 -3.79 4.40
N LEU B 71 4.72 -4.55 3.40
CA LEU B 71 5.01 -5.97 3.62
C LEU B 71 6.19 -6.15 4.58
N MET B 72 7.23 -5.34 4.43
CA MET B 72 8.36 -5.42 5.36
C MET B 72 7.95 -5.00 6.76
N GLY B 73 7.04 -4.04 6.89
CA GLY B 73 6.56 -3.66 8.21
C GLY B 73 5.81 -4.78 8.89
N LEU B 74 5.05 -5.57 8.13
CA LEU B 74 4.39 -6.75 8.69
C LEU B 74 5.41 -7.79 9.10
N GLU B 75 6.46 -8.00 8.28
CA GLU B 75 7.53 -8.90 8.67
C GLU B 75 8.16 -8.46 9.98
N LEU B 76 8.56 -7.19 10.06
CA LEU B 76 9.19 -6.68 11.28
C LEU B 76 8.27 -6.84 12.49
N ARG B 77 6.98 -6.59 12.31
CA ARG B 77 6.04 -6.70 13.42
C ARG B 77 6.00 -8.12 13.97
N ASN B 78 6.02 -9.13 13.09
CA ASN B 78 5.99 -10.51 13.55
C ASN B 78 7.29 -10.91 14.23
N ARG B 79 8.41 -10.31 13.82
CA ARG B 79 9.69 -10.63 14.45
C ARG B 79 9.85 -9.96 15.81
N LEU B 80 9.20 -8.81 16.01
CA LEU B 80 9.15 -8.22 17.34
C LEU B 80 8.22 -8.99 18.26
N GLU B 81 7.07 -9.43 17.73
CA GLU B 81 6.15 -10.25 18.52
C GLU B 81 6.84 -11.52 19.01
N ALA B 82 7.71 -12.10 18.18
CA ALA B 82 8.44 -13.29 18.58
C ALA B 82 9.54 -12.96 19.58
N SER B 83 10.37 -11.96 19.25
CA SER B 83 11.51 -11.64 20.10
C SER B 83 11.10 -11.10 21.46
N LEU B 84 9.98 -10.38 21.53
CA LEU B 84 9.51 -9.79 22.77
C LEU B 84 8.39 -10.57 23.44
N GLY B 85 7.81 -11.54 22.75
CA GLY B 85 6.77 -12.37 23.35
C GLY B 85 5.53 -11.59 23.77
N ILE B 86 5.17 -10.56 23.02
CA ILE B 86 4.00 -9.74 23.32
C ILE B 86 3.23 -9.49 22.03
N THR B 87 1.90 -9.40 22.17
CA THR B 87 1.05 -9.11 21.02
C THR B 87 1.12 -7.63 20.70
N LEU B 88 1.59 -7.31 19.51
CA LEU B 88 1.75 -5.93 19.06
C LEU B 88 0.91 -5.69 17.82
N PRO B 89 0.00 -4.72 17.83
CA PRO B 89 -0.82 -4.46 16.63
C PRO B 89 0.02 -3.89 15.50
N VAL B 90 -0.45 -4.11 14.27
CA VAL B 90 0.32 -3.70 13.10
C VAL B 90 0.27 -2.18 12.91
N ALA B 91 -0.79 -1.54 13.38
CA ALA B 91 -0.94 -0.10 13.17
C ALA B 91 0.10 0.72 13.92
N LEU B 92 0.83 0.12 14.85
CA LEU B 92 1.81 0.87 15.63
C LEU B 92 3.12 1.10 14.89
N VAL B 93 3.43 0.24 13.92
CA VAL B 93 4.69 0.36 13.18
C VAL B 93 4.76 1.67 12.43
N TRP B 94 3.61 2.19 11.98
CA TRP B 94 3.57 3.46 11.27
C TRP B 94 3.06 4.61 12.12
N ALA B 95 2.39 4.32 13.24
CA ALA B 95 2.11 5.37 14.22
C ALA B 95 3.40 5.85 14.86
N TYR B 96 4.40 4.97 14.99
CA TYR B 96 5.71 5.28 15.53
C TYR B 96 6.75 4.92 14.48
N PRO B 97 6.98 5.82 13.51
CA PRO B 97 7.76 5.45 12.31
C PRO B 97 9.26 5.51 12.48
N THR B 98 9.77 5.79 13.68
CA THR B 98 11.20 5.76 13.94
C THR B 98 11.50 4.66 14.94
N ILE B 99 12.80 4.34 15.06
CA ILE B 99 13.23 3.34 16.02
C ILE B 99 12.94 3.81 17.44
N SER B 100 13.27 5.07 17.74
CA SER B 100 13.01 5.61 19.07
C SER B 100 11.51 5.72 19.35
N ASP B 101 10.75 6.20 18.36
CA ASP B 101 9.29 6.26 18.53
C ASP B 101 8.72 4.88 18.78
N LEU B 102 9.26 3.86 18.11
CA LEU B 102 8.78 2.50 18.31
C LEU B 102 9.26 1.93 19.64
N ALA B 103 10.52 2.19 20.01
CA ALA B 103 11.09 1.58 21.21
C ALA B 103 10.37 2.07 22.47
N THR B 104 10.18 3.38 22.59
CA THR B 104 9.52 3.91 23.78
C THR B 104 8.07 3.49 23.85
N ALA B 105 7.40 3.42 22.70
CA ALA B 105 6.03 2.92 22.69
C ALA B 105 5.94 1.46 23.09
N LEU B 106 7.03 0.70 22.90
CA LEU B 106 6.98 -0.74 23.18
C LEU B 106 7.18 -1.06 24.66
N CYS B 107 8.01 -0.27 25.37
CA CYS B 107 8.22 -0.47 26.79
C CYS B 107 7.00 -0.11 27.62
N GLU B 108 6.17 0.83 27.15
CA GLU B 108 4.89 1.05 27.79
C GLU B 108 3.91 -0.09 27.54
N ARG B 109 4.22 -0.98 26.59
CA ARG B 109 3.47 -2.20 26.39
C ARG B 109 3.99 -3.35 27.24
N MET B 110 5.01 -3.12 28.06
CA MET B 110 5.53 -4.14 28.95
C MET B 110 4.74 -4.16 30.26
#